data_4CCT
#
_entry.id   4CCT
#
_cell.length_a   1.000
_cell.length_b   1.000
_cell.length_c   1.000
_cell.angle_alpha   90.00
_cell.angle_beta   90.00
_cell.angle_gamma   90.00
#
_symmetry.space_group_name_H-M   'P 1'
#
loop_
_entity.id
_entity.type
_entity.pdbx_description
1 polymer 'DENGUE VIRUS 1 E PROTEIN'
2 polymer 'DENGUE VIRUS 1 M PROTEIN'
#
loop_
_entity_poly.entity_id
_entity_poly.type
_entity_poly.pdbx_seq_one_letter_code
_entity_poly.pdbx_strand_id
1 'polypeptide(L)'
;MRCVGISNRDFVEGLSATGWVDVVLEHGSCVTTMAKDKPTLDIELLKTEVTNPAILRKLCIEAKISNTTTDSRCPTQGEA
TLVEEQDTNFVCRRTFVDRGWGNGCGLFGKGSLITCAKFKCVTKLEGKIVQYENLKYSVIVTVHTGDQHQVGNETTEHGT
TATITPQAPTSEIQLTDYGALTLDCSPRTGLDFNEMVLLTMKEKSWLVHKQWFLDLPLPWTSGASTSQETWNRQDLLVTF
KTAHAKKQEVVVLGSQEGAMHTALTGATEIQTSGTTTIFAGHLKCRLKMDKLTLKGVSYVMCTGSFKLEKEVAETQHGTV
LVQVKYEGTDAPCKIPFSSQDEKGVIQNGRLITANPIVTDKEKPVNIEAEPPFGESYIVVGAGEKALKLSWFKKGSSIGK
MFEATARGARRMAILGDTAWDFGSIGGVFTSVGKLVHQIFGTAYGVLFSGVSWTMKIGIGILLTWLGLNSRSTSLSMTCI
AVGMVTLYLGVMVQA
;
A,B,C
2 'polypeptide(L)' SVALAPHVGLGLETRTETWMSSEGAWKQIQKVETWALGHPGFTVIALFLAHAIGTSITQKGIIFILLMLVTPSY D,E,F
#
# COMPACT_ATOMS: atom_id res chain seq x y z
CA MET A 1 -34.57 -50.45 -17.52
CA ARG A 2 -34.14 -46.70 -17.03
CA CYS A 3 -33.14 -44.59 -19.98
CA VAL A 4 -36.53 -45.66 -21.27
CA GLY A 5 -37.48 -42.03 -21.86
CA ILE A 6 -36.14 -39.05 -19.90
CA SER A 7 -34.44 -38.13 -23.19
CA ASN A 8 -30.72 -37.32 -23.32
CA ARG A 9 -30.28 -41.02 -24.00
CA ASP A 10 -27.18 -41.27 -26.21
CA PHE A 11 -25.92 -44.58 -27.42
CA VAL A 12 -22.23 -44.94 -28.12
CA GLU A 13 -22.04 -48.17 -30.08
CA GLY A 14 -18.26 -48.47 -30.27
CA LEU A 15 -15.99 -50.55 -28.00
CA SER A 16 -12.52 -49.38 -28.97
CA ALA A 17 -9.70 -51.92 -29.12
CA THR A 18 -10.78 -53.91 -26.03
CA GLY A 19 -13.60 -52.95 -23.69
CA TRP A 20 -12.91 -49.25 -23.67
CA VAL A 21 -15.47 -46.48 -24.15
CA ASP A 22 -15.31 -43.47 -21.82
CA VAL A 23 -18.59 -41.92 -20.78
CA VAL A 24 -19.53 -38.62 -19.14
CA LEU A 25 -22.81 -38.94 -17.12
CA GLU A 26 -24.58 -35.73 -15.99
CA HIS A 27 -27.69 -36.24 -13.84
CA GLY A 28 -30.81 -36.70 -15.91
CA SER A 29 -28.66 -37.80 -18.87
CA CYS A 30 -28.71 -41.43 -20.11
CA VAL A 31 -26.04 -43.35 -21.89
CA THR A 32 -27.17 -46.89 -22.77
CA THR A 33 -23.87 -48.50 -23.86
CA MET A 34 -24.55 -51.74 -25.80
CA ALA A 35 -22.26 -52.75 -28.68
CA LYS A 36 -22.81 -56.41 -29.67
CA ASP A 37 -21.21 -59.39 -27.86
CA LYS A 38 -21.33 -57.13 -24.81
CA PRO A 39 -24.59 -58.07 -23.03
CA THR A 40 -25.91 -54.58 -23.78
CA LEU A 41 -26.18 -52.13 -20.91
CA ASP A 42 -27.57 -48.69 -19.95
CA ILE A 43 -25.58 -46.41 -17.59
CA GLU A 44 -26.20 -43.00 -15.94
CA LEU A 45 -25.87 -41.22 -12.51
CA LEU A 46 -27.31 -39.26 -9.57
CA LYS A 47 -26.88 -38.74 -5.80
CA THR A 48 -23.63 -36.79 -5.65
CA GLU A 49 -23.12 -36.57 -1.90
CA VAL A 50 -20.50 -34.46 -0.14
CA THR A 51 -20.13 -34.90 3.62
CA ASN A 52 -17.10 -32.50 3.67
CA PRO A 53 -17.82 -28.81 4.22
CA ALA A 54 -15.69 -25.86 5.61
CA ILE A 55 -17.05 -22.31 6.41
CA LEU A 56 -15.51 -19.53 4.48
CA ARG A 57 -16.87 -16.29 5.74
CA LYS A 58 -20.46 -15.45 6.40
CA LEU A 59 -22.65 -12.39 5.81
CA CYS A 60 -24.31 -10.55 8.70
CA ILE A 61 -28.12 -9.57 8.07
CA GLU A 62 -32.23 -9.72 10.15
CA ALA A 63 -29.94 -7.27 11.95
CA LYS A 64 -31.63 -4.28 13.56
CA ILE A 65 -30.29 -1.11 14.97
CA SER A 66 -30.74 -0.42 18.67
CA ASN A 67 -29.84 2.15 21.31
CA THR A 68 -28.97 5.11 19.08
CA THR A 69 -26.28 7.37 20.63
CA THR A 70 -25.61 10.83 19.06
CA ASP A 71 -22.30 12.57 19.87
CA SER A 72 -21.35 16.22 19.10
CA ARG A 73 -18.85 19.10 19.55
CA CYS A 74 -18.70 22.55 17.95
CA PRO A 75 -17.62 24.35 14.76
CA THR A 76 -13.84 24.74 14.63
CA GLN A 77 -13.59 22.74 17.86
CA GLY A 78 -12.87 19.03 17.93
CA GLU A 79 -15.72 17.01 16.35
CA ALA A 80 -17.09 13.54 17.21
CA THR A 81 -15.32 12.58 20.49
CA LEU A 82 -16.91 10.62 23.31
CA VAL A 83 -16.13 6.88 23.65
CA GLU A 84 -17.90 3.47 23.35
CA GLU A 85 -18.41 3.97 19.60
CA GLN A 86 -15.57 1.62 18.58
CA ASP A 87 -16.24 -1.70 20.33
CA THR A 88 -17.17 -2.92 16.78
CA ASN A 89 -20.79 -3.10 17.91
CA PHE A 90 -22.46 0.26 17.26
CA VAL A 91 -21.62 1.05 13.64
CA CYS A 92 -20.96 4.81 13.22
CA ARG A 93 -19.85 7.46 10.70
CA ARG A 94 -19.31 11.23 10.64
CA THR A 95 -21.25 14.43 9.74
CA PHE A 96 -21.47 17.98 11.34
CA VAL A 97 -24.85 19.79 10.91
CA ASP A 98 -23.61 23.24 12.11
CA ARG A 99 -24.72 24.52 15.54
CA GLY A 100 -24.39 28.01 17.01
CA TRP A 101 -26.52 29.99 19.50
CA GLY A 102 -29.74 28.08 18.84
CA ASN A 103 -27.81 25.00 19.98
CA GLY A 104 -25.34 27.39 21.60
CA CYS A 105 -21.56 27.29 21.38
CA GLY A 106 -19.68 31.40 20.18
CA LEU A 107 -19.13 30.60 16.47
CA PHE A 108 -21.36 29.16 13.73
CA GLY A 109 -19.20 26.86 11.58
CA LYS A 110 -19.70 23.07 11.75
CA GLY A 111 -18.66 20.46 14.36
CA SER A 112 -19.60 16.82 13.53
CA LEU A 113 -21.40 14.30 15.76
CA ILE A 114 -21.26 10.92 14.05
CA THR A 115 -23.42 8.78 16.38
CA CYS A 116 -23.90 4.92 16.30
CA ALA A 117 -26.04 2.04 17.65
CA LYS A 118 -25.01 -1.61 18.16
CA PHE A 119 -27.25 -3.61 15.75
CA LYS A 120 -27.45 -7.40 16.07
CA CYS A 121 -27.91 -9.49 12.92
CA VAL A 122 -30.46 -12.25 12.46
CA THR A 123 -30.62 -13.57 8.86
CA LYS A 124 -27.33 -15.53 8.84
CA LEU A 125 -27.68 -16.83 5.26
CA GLU A 126 -24.32 -18.54 5.13
CA GLY A 127 -22.48 -21.70 4.22
CA LYS A 128 -19.25 -23.57 3.64
CA ILE A 129 -16.92 -24.89 0.94
CA VAL A 130 -15.64 -28.43 0.38
CA GLN A 131 -12.40 -30.45 0.42
CA TYR A 132 -12.96 -31.60 -3.16
CA GLU A 133 -11.96 -35.20 -2.73
CA ASN A 134 -13.79 -37.15 0.00
CA LEU A 135 -17.01 -36.38 -1.89
CA LYS A 136 -18.03 -39.17 -4.26
CA TYR A 137 -21.34 -39.82 -6.01
CA SER A 138 -23.80 -42.55 -6.87
CA VAL A 139 -23.52 -43.92 -10.40
CA ILE A 140 -26.24 -46.23 -11.87
CA VAL A 141 -25.43 -49.41 -13.93
CA THR A 142 -28.52 -51.42 -15.16
CA VAL A 143 -28.50 -54.26 -17.71
CA HIS A 144 -31.64 -54.88 -19.74
CA THR A 145 -33.87 -57.88 -20.22
CA GLY A 146 -37.61 -57.10 -19.98
CA ASP A 147 -38.78 -57.94 -16.44
CA GLN A 148 -41.19 -56.05 -14.18
CA HIS A 149 -38.90 -53.02 -13.80
CA GLN A 150 -39.53 -52.80 -17.54
CA VAL A 151 -39.41 -48.99 -17.33
CA GLY A 152 -36.84 -47.00 -15.36
CA ASN A 153 -37.64 -48.46 -11.96
CA GLU A 154 -35.18 -46.04 -10.31
CA THR A 155 -35.62 -48.02 -7.06
CA THR A 156 -34.56 -51.71 -7.31
CA GLU A 157 -31.84 -51.03 -9.85
CA HIS A 158 -29.92 -54.29 -10.29
CA GLY A 159 -26.37 -53.72 -8.96
CA THR A 160 -26.29 -50.02 -8.15
CA THR A 161 -23.41 -47.57 -8.24
CA ALA A 162 -19.98 -47.74 -6.55
CA THR A 163 -19.81 -43.95 -5.91
CA ILE A 164 -16.03 -43.51 -6.43
CA THR A 165 -13.88 -40.97 -4.64
CA PRO A 166 -10.28 -40.00 -5.17
CA GLN A 167 -10.17 -42.88 -2.71
CA ALA A 168 -11.27 -45.92 -4.65
CA PRO A 169 -11.77 -44.48 -8.15
CA THR A 170 -12.63 -47.83 -9.84
CA SER A 171 -14.74 -50.62 -8.22
CA GLU A 172 -16.30 -53.71 -9.85
CA ILE A 173 -19.93 -54.78 -10.08
CA GLN A 174 -21.66 -58.14 -10.04
CA LEU A 175 -25.06 -57.32 -11.48
CA THR A 176 -25.65 -61.10 -11.30
CA ASP A 177 -24.84 -63.74 -14.01
CA TYR A 178 -23.25 -61.15 -16.31
CA GLY A 179 -19.51 -61.25 -15.62
CA ALA A 180 -18.35 -58.73 -12.98
CA LEU A 181 -18.01 -55.53 -15.03
CA THR A 182 -15.30 -52.99 -14.09
CA LEU A 183 -15.10 -49.20 -14.05
CA ASP A 184 -12.26 -46.59 -14.06
CA CYS A 185 -13.15 -43.08 -12.89
CA SER A 186 -11.50 -39.74 -12.46
CA PRO A 187 -13.67 -38.02 -9.86
CA ARG A 188 -12.51 -34.76 -8.38
CA THR A 189 -12.41 -33.37 -11.91
CA GLY A 190 -15.80 -32.28 -13.21
CA LEU A 191 -18.11 -29.41 -12.16
CA ASP A 192 -14.69 -28.12 -11.14
CA PHE A 193 -15.28 -26.47 -7.77
CA ASN A 194 -12.45 -24.96 -5.70
CA GLU A 195 -14.74 -21.92 -5.41
CA MET A 196 -18.28 -22.72 -4.09
CA VAL A 197 -19.74 -22.27 -0.59
CA LEU A 198 -23.44 -22.73 -1.57
CA LEU A 199 -25.15 -21.00 1.39
CA THR A 200 -28.62 -21.42 2.84
CA MET A 201 -30.94 -18.37 3.07
CA LYS A 202 -33.02 -20.48 5.40
CA GLU A 203 -32.57 -23.96 3.83
CA LYS A 204 -31.87 -24.49 0.09
CA SER A 205 -28.49 -23.31 -1.31
CA TRP A 206 -27.26 -23.19 -4.94
CA LEU A 207 -23.59 -22.36 -5.93
CA VAL A 208 -21.86 -19.70 -8.15
CA HIS A 209 -18.27 -20.15 -6.92
CA LYS A 210 -16.56 -17.79 -4.46
CA GLN A 211 -15.95 -14.24 -5.62
CA TRP A 212 -19.56 -13.76 -4.56
CA PHE A 213 -20.68 -15.88 -1.54
CA LEU A 214 -17.40 -14.24 -0.42
CA ASP A 215 -17.71 -10.84 -2.17
CA LEU A 216 -21.16 -9.48 -1.62
CA PRO A 217 -21.56 -5.98 -0.09
CA LEU A 218 -23.04 -5.93 3.42
CA PRO A 219 -21.58 -6.77 6.84
CA TRP A 220 -18.93 -9.49 6.69
CA THR A 221 -19.05 -11.95 9.59
CA SER A 222 -15.87 -13.70 10.72
CA GLY A 223 -16.28 -16.93 8.78
CA ALA A 224 -14.13 -19.08 11.06
CA SER A 225 -15.56 -17.97 14.43
CA THR A 226 -19.17 -17.84 15.84
CA SER A 227 -20.81 -14.43 16.13
CA GLN A 228 -17.56 -12.67 17.02
CA GLU A 229 -18.96 -9.65 15.12
CA THR A 230 -16.50 -7.14 13.65
CA TRP A 231 -18.17 -7.90 10.27
CA ASN A 232 -16.05 -5.57 8.15
CA ARG A 233 -18.07 -2.85 6.44
CA GLN A 234 -20.86 -3.75 8.81
CA ASP A 235 -23.15 -0.88 7.95
CA LEU A 236 -24.29 -1.84 4.51
CA LEU A 237 -27.55 -2.16 6.40
CA VAL A 238 -27.42 1.35 7.81
CA THR A 239 -27.39 5.00 6.62
CA PHE A 240 -27.45 8.64 7.87
CA LYS A 241 -29.26 11.95 7.28
CA THR A 242 -29.65 15.33 9.08
CA ALA A 243 -32.86 16.67 7.50
CA HIS A 244 -31.40 19.96 6.16
CA ALA A 245 -28.68 20.13 8.82
CA LYS A 246 -30.09 19.15 12.22
CA LYS A 247 -29.48 15.64 13.57
CA GLN A 248 -28.91 12.56 11.40
CA GLU A 249 -29.67 8.98 12.50
CA VAL A 250 -30.09 5.52 10.88
CA VAL A 251 -32.22 2.60 9.61
CA VAL A 252 -31.89 -1.07 8.67
CA LEU A 253 -32.61 -0.58 4.96
CA GLY A 254 -35.33 -3.23 4.80
CA SER A 255 -34.94 -7.02 4.51
CA GLN A 256 -32.42 -7.46 1.63
CA GLU A 257 -31.99 -11.09 2.66
CA GLY A 258 -35.29 -11.76 0.98
CA ALA A 259 -34.90 -9.63 -2.14
CA MET A 260 -31.45 -11.01 -1.96
CA HIS A 261 -32.52 -14.20 -3.70
CA THR A 262 -33.43 -12.07 -6.69
CA ALA A 263 -29.84 -11.74 -7.95
CA LEU A 264 -27.64 -14.80 -7.52
CA THR A 265 -29.52 -16.28 -10.46
CA GLY A 266 -26.50 -17.65 -12.33
CA ALA A 267 -26.74 -20.70 -10.07
CA THR A 268 -28.77 -23.87 -9.39
CA GLU A 269 -30.91 -25.26 -6.55
CA ILE A 270 -28.48 -27.35 -4.55
CA GLN A 271 -30.89 -29.99 -3.40
CA THR A 272 -32.04 -29.02 0.06
CA SER A 273 -29.82 -29.71 3.07
CA GLY A 274 -28.52 -32.47 5.37
CA THR A 275 -26.75 -34.84 2.93
CA THR A 276 -25.40 -31.70 1.22
CA THR A 277 -25.85 -33.85 -1.89
CA ILE A 278 -26.20 -32.43 -5.45
CA PHE A 279 -27.80 -33.03 -8.83
CA ALA A 280 -25.27 -31.74 -11.31
CA GLY A 281 -22.69 -34.32 -12.36
CA HIS A 282 -19.51 -35.10 -14.35
CA LEU A 283 -16.84 -37.74 -13.62
CA LYS A 284 -16.20 -38.60 -17.27
CA CYS A 285 -14.63 -42.02 -17.19
CA ARG A 286 -14.11 -45.45 -18.73
CA LEU A 287 -15.03 -49.01 -17.81
CA LYS A 288 -13.73 -52.44 -18.93
CA MET A 289 -15.85 -55.28 -20.42
CA ASP A 290 -14.01 -58.58 -20.61
CA LYS A 291 -16.38 -60.03 -18.06
CA LEU A 292 -19.93 -58.98 -18.82
CA THR A 293 -21.27 -62.33 -20.15
CA LEU A 294 -24.38 -62.44 -22.40
CA LYS A 295 -27.36 -63.68 -20.43
CA GLY A 296 -28.79 -65.73 -23.28
CA VAL A 297 -27.02 -67.39 -26.26
CA SER A 298 -26.32 -70.19 -23.75
CA TYR A 299 -29.96 -71.36 -23.97
CA VAL A 300 -31.93 -72.43 -27.03
CA MET A 301 -33.97 -71.02 -29.98
CA CYS A 302 -37.47 -71.08 -28.45
CA THR A 303 -40.60 -71.95 -30.48
CA GLY A 304 -44.35 -71.57 -29.91
CA SER A 305 -46.30 -68.30 -30.07
CA PHE A 306 -46.55 -64.76 -28.63
CA LYS A 307 -49.01 -62.16 -27.33
CA LEU A 308 -48.83 -58.43 -26.67
CA GLU A 309 -49.01 -56.01 -23.72
CA LYS A 310 -48.92 -52.22 -23.92
CA GLU A 311 -48.14 -52.83 -27.61
CA VAL A 312 -45.47 -50.93 -29.49
CA ALA A 313 -45.28 -47.37 -28.24
CA GLU A 314 -41.66 -46.22 -28.65
CA THR A 315 -40.29 -42.79 -27.53
CA GLN A 316 -38.00 -39.73 -27.81
CA HIS A 317 -35.69 -40.92 -30.53
CA GLY A 318 -36.07 -43.86 -32.91
CA THR A 319 -36.44 -46.18 -29.91
CA VAL A 320 -39.23 -48.71 -29.26
CA LEU A 321 -41.06 -50.20 -26.28
CA VAL A 322 -43.16 -53.32 -26.92
CA GLN A 323 -43.28 -56.33 -24.62
CA VAL A 324 -44.69 -59.83 -25.27
CA LYS A 325 -45.09 -63.06 -23.29
CA TYR A 326 -44.20 -66.60 -24.33
CA GLU A 327 -46.06 -69.84 -24.94
CA GLY A 328 -45.26 -73.43 -24.21
CA THR A 329 -41.65 -74.70 -23.82
CA ASP A 330 -40.65 -72.14 -21.13
CA ALA A 331 -37.19 -73.75 -21.02
CA PRO A 332 -35.45 -70.42 -20.58
CA CYS A 333 -34.37 -69.29 -24.12
CA LYS A 334 -34.02 -66.40 -26.62
CA ILE A 335 -36.40 -66.04 -29.59
CA PRO A 336 -36.81 -64.43 -33.06
CA PHE A 337 -37.07 -60.69 -33.56
CA SER A 338 -35.68 -59.61 -36.84
CA SER A 339 -36.40 -55.89 -37.43
CA GLN A 340 -36.83 -57.15 -40.98
CA ASP A 341 -38.10 -54.37 -43.24
CA GLU A 342 -40.65 -56.31 -45.35
CA LYS A 343 -40.89 -59.71 -46.97
CA GLY A 344 -38.08 -58.70 -49.33
CA VAL A 345 -36.38 -59.80 -46.08
CA ILE A 346 -33.24 -57.68 -45.36
CA GLN A 347 -33.69 -56.45 -41.73
CA ASN A 348 -32.07 -53.46 -40.06
CA GLY A 349 -33.12 -51.51 -36.95
CA ARG A 350 -30.33 -53.36 -35.18
CA LEU A 351 -32.51 -54.88 -32.49
CA ILE A 352 -31.15 -53.12 -29.45
CA THR A 353 -30.45 -55.32 -26.41
CA ALA A 354 -28.51 -58.54 -26.29
CA ASN A 355 -31.49 -60.71 -27.20
CA PRO A 356 -34.42 -61.56 -24.89
CA ILE A 357 -33.34 -64.24 -22.37
CA VAL A 358 -37.11 -64.66 -22.08
CA THR A 359 -36.43 -67.08 -19.20
CA ASP A 360 -39.51 -69.17 -18.35
CA LYS A 361 -43.33 -68.90 -18.11
CA GLU A 362 -45.11 -65.90 -19.59
CA LYS A 363 -43.16 -62.79 -18.63
CA PRO A 364 -43.53 -59.68 -20.76
CA VAL A 365 -39.75 -59.25 -21.32
CA ASN A 366 -39.43 -55.72 -22.68
CA ILE A 367 -37.13 -55.46 -25.63
CA GLU A 368 -37.01 -53.12 -28.65
CA ALA A 369 -36.00 -52.95 -32.34
CA GLU A 370 -35.28 -49.26 -33.15
CA PRO A 371 -36.04 -49.79 -36.87
CA PRO A 372 -35.40 -47.19 -39.56
CA PHE A 373 -38.72 -45.61 -40.71
CA GLY A 374 -41.01 -46.08 -43.73
CA GLU A 375 -42.37 -49.65 -43.44
CA SER A 376 -40.56 -51.78 -40.86
CA TYR A 377 -42.43 -54.99 -40.10
CA ILE A 378 -40.40 -56.32 -37.17
CA VAL A 379 -41.59 -59.99 -37.10
CA VAL A 380 -40.94 -61.87 -33.83
CA GLY A 381 -42.77 -65.22 -33.78
CA ALA A 382 -40.52 -67.99 -35.18
CA GLY A 383 -42.13 -69.89 -38.10
CA GLU A 384 -45.51 -68.10 -38.12
CA LYS A 385 -47.70 -66.11 -35.65
CA ALA A 386 -45.19 -63.30 -36.27
CA LEU A 387 -47.31 -60.37 -35.14
CA LYS A 388 -45.03 -58.01 -37.08
CA LEU A 389 -47.01 -54.68 -36.97
CA SER A 390 -46.91 -52.05 -39.73
CA TRP A 391 -45.05 -49.55 -37.51
CA PHE A 392 -42.60 -47.19 -39.31
CA LYS A 393 -40.90 -44.06 -37.95
CA LYS A 394 -42.21 -40.66 -39.07
CA GLY A 395 -39.53 -39.38 -41.42
CA SER A 396 -36.49 -37.09 -41.54
CA SER A 397 -34.52 -40.26 -42.54
CA ILE A 398 -31.24 -38.68 -43.73
CA GLY A 399 -32.22 -35.27 -42.36
CA LYS A 400 -31.50 -36.99 -39.01
CA MET A 401 -27.90 -35.88 -39.21
CA PHE A 402 -29.14 -32.44 -38.16
CA GLU A 403 -29.93 -33.06 -34.48
CA ALA A 404 -27.35 -35.88 -34.53
CA THR A 405 -24.61 -33.24 -33.88
CA ALA A 406 -27.18 -30.38 -33.78
CA ARG A 407 -27.18 -31.75 -30.26
CA GLY A 408 -23.52 -32.69 -30.23
CA ALA A 409 -23.21 -28.93 -29.84
CA ARG A 410 -25.18 -28.69 -26.67
CA ARG A 411 -23.27 -31.80 -25.41
CA MET A 412 -20.24 -29.74 -26.25
CA ALA A 413 -20.39 -26.19 -24.95
CA ILE A 414 -22.42 -27.28 -21.92
CA LEU A 415 -20.05 -29.85 -20.43
CA GLY A 416 -17.30 -27.35 -20.97
CA ASP A 417 -14.76 -28.75 -23.39
CA THR A 418 -13.41 -31.95 -21.78
CA ALA A 419 -16.62 -33.44 -22.99
CA TRP A 420 -15.32 -33.34 -26.55
CA ASP A 421 -15.56 -37.13 -26.73
CA PHE A 422 -19.39 -37.65 -27.55
CA GLY A 423 -18.99 -39.95 -24.53
CA SER A 424 -16.56 -42.23 -26.44
CA ILE A 425 -12.96 -43.22 -27.12
CA GLY A 426 -10.58 -44.15 -29.92
CA GLY A 427 -7.43 -42.04 -30.07
CA VAL A 428 -5.14 -41.67 -33.14
CA PHE A 429 -7.92 -40.01 -35.17
CA THR A 430 -9.87 -36.74 -34.54
CA SER A 431 -10.28 -37.81 -30.86
CA VAL A 432 -6.86 -37.01 -29.35
CA GLY A 433 -6.45 -34.68 -32.29
CA LYS A 434 -8.49 -33.12 -29.44
CA LEU A 435 -6.39 -30.41 -27.83
CA VAL A 436 -7.54 -27.38 -29.84
CA HIS A 437 -10.24 -26.57 -27.33
CA GLN A 438 -7.73 -26.78 -24.44
CA ILE A 439 -6.51 -23.71 -26.30
CA PHE A 440 -9.62 -22.40 -28.07
CA GLY A 441 -11.20 -23.07 -24.71
CA THR A 442 -10.39 -20.17 -22.41
CA ALA A 443 -11.06 -16.46 -23.09
CA TYR A 444 -13.30 -17.61 -26.02
CA GLY A 445 -16.09 -20.25 -26.00
CA VAL A 446 -17.58 -20.85 -22.46
CA LEU A 447 -14.84 -18.33 -20.95
CA PHE A 448 -14.79 -14.82 -22.66
CA SER A 449 -18.40 -14.02 -21.71
CA GLY A 450 -19.19 -13.47 -17.99
CA VAL A 451 -22.23 -11.80 -19.63
CA SER A 452 -25.90 -12.75 -19.51
CA TRP A 453 -27.69 -15.34 -21.66
CA THR A 454 -30.44 -13.53 -23.43
CA MET A 455 -28.27 -10.35 -23.03
CA LYS A 456 -24.73 -11.30 -24.05
CA ILE A 457 -25.82 -11.92 -27.62
CA GLY A 458 -25.87 -8.20 -28.30
CA ILE A 459 -22.25 -8.90 -29.35
CA GLY A 460 -23.52 -11.62 -31.60
CA ILE A 461 -24.76 -9.40 -34.41
CA LEU A 462 -21.38 -7.56 -34.09
CA LEU A 463 -18.17 -9.29 -35.03
CA THR A 464 -20.18 -10.69 -37.93
CA TRP A 465 -21.13 -7.19 -39.01
CA LEU A 466 -17.43 -6.38 -39.12
CA GLY A 467 -16.78 -9.63 -40.87
CA LEU A 468 -19.17 -8.20 -43.48
CA ASN A 469 -17.07 -6.43 -46.16
CA SER A 470 -13.62 -5.37 -44.81
CA ARG A 471 -9.98 -6.60 -44.64
CA SER A 472 -11.57 -9.62 -46.46
CA THR A 473 -9.96 -13.16 -46.63
CA SER A 474 -7.09 -11.90 -44.38
CA LEU A 475 -7.59 -10.76 -40.71
CA SER A 476 -11.42 -11.20 -41.01
CA MET A 477 -13.41 -13.98 -42.76
CA THR A 478 -10.70 -15.91 -40.93
CA CYS A 479 -13.04 -15.55 -37.95
CA ILE A 480 -16.34 -13.86 -38.93
CA ALA A 481 -18.27 -16.89 -37.76
CA VAL A 482 -16.81 -17.16 -34.26
CA GLY A 483 -20.00 -19.17 -33.84
CA MET A 484 -19.89 -20.15 -30.14
CA VAL A 485 -20.08 -16.53 -28.85
CA THR A 486 -22.45 -15.79 -31.75
CA LEU A 487 -25.15 -18.46 -31.87
CA TYR A 488 -25.58 -21.61 -29.69
CA LEU A 489 -24.26 -19.67 -26.71
CA GLY A 490 -26.33 -17.13 -28.63
CA VAL A 491 -30.03 -17.40 -29.72
CA MET A 492 -31.29 -20.14 -27.38
CA VAL A 493 -29.51 -22.36 -24.80
CA GLN A 494 -30.89 -20.18 -21.90
CA ALA A 495 -29.89 -22.83 -19.19
CA MET B 1 10.07 -34.55 3.88
CA ARG B 2 11.43 -32.48 6.85
CA CYS B 3 11.40 -29.76 4.29
CA VAL B 4 8.32 -29.12 2.18
CA GLY B 5 5.68 -26.42 2.26
CA ILE B 6 8.10 -23.51 2.72
CA SER B 7 8.16 -21.41 -0.45
CA ASN B 8 11.46 -21.51 -2.38
CA ARG B 9 11.46 -25.31 -2.63
CA ASP B 10 14.12 -25.34 -5.34
CA PHE B 11 14.46 -28.63 -7.27
CA VAL B 12 17.90 -28.75 -8.90
CA GLU B 13 17.81 -32.31 -10.27
CA GLY B 14 20.96 -33.59 -11.96
CA LEU B 15 24.51 -33.96 -10.61
CA SER B 16 27.79 -33.03 -12.33
CA ALA B 17 30.01 -35.89 -13.53
CA THR B 18 30.54 -36.37 -9.74
CA GLY B 19 27.88 -34.38 -7.85
CA TRP B 20 29.60 -31.15 -8.78
CA VAL B 21 26.66 -29.14 -7.69
CA ASP B 22 27.28 -25.64 -6.35
CA VAL B 23 23.96 -24.39 -4.91
CA VAL B 24 23.42 -21.35 -2.76
CA LEU B 25 21.20 -21.61 0.34
CA GLU B 26 20.26 -17.97 1.06
CA HIS B 27 18.90 -17.78 4.64
CA GLY B 28 15.57 -19.53 4.82
CA SER B 29 14.76 -22.09 2.16
CA CYS B 30 14.84 -25.80 1.40
CA VAL B 31 16.41 -26.56 -1.97
CA THR B 32 15.83 -30.32 -2.36
CA THR B 33 17.45 -32.03 -5.36
CA MET B 34 17.92 -35.41 -7.11
CA ALA B 35 20.49 -37.23 -9.21
CA LYS B 36 18.49 -40.45 -9.68
CA ASP B 37 20.38 -42.58 -7.14
CA LYS B 38 21.23 -39.94 -4.56
CA PRO B 39 18.73 -40.61 -1.75
CA THR B 40 16.70 -37.35 -1.52
CA LEU B 41 18.48 -34.26 -0.14
CA ASP B 42 16.95 -31.05 1.16
CA ILE B 43 19.78 -28.68 2.18
CA GLU B 44 19.37 -25.23 3.83
CA LEU B 45 21.12 -23.02 6.37
CA LEU B 46 19.81 -21.35 9.53
CA LYS B 47 22.15 -19.26 11.62
CA THR B 48 25.50 -17.69 10.87
CA GLU B 49 26.42 -16.11 14.18
CA VAL B 50 29.72 -14.32 14.11
CA THR B 51 32.11 -15.08 16.98
CA ASN B 52 32.77 -11.32 17.19
CA PRO B 53 33.44 -7.83 15.66
CA ALA B 54 35.61 -4.81 16.57
CA ILE B 55 34.06 -1.46 17.58
CA LEU B 56 34.55 2.01 16.06
CA ARG B 57 32.38 5.14 16.09
CA LYS B 58 29.28 5.34 18.28
CA LEU B 59 27.59 8.63 17.42
CA CYS B 60 25.68 9.47 20.63
CA ILE B 61 21.90 9.02 20.37
CA GLU B 62 19.88 11.39 22.53
CA ALA B 63 21.44 13.96 24.89
CA LYS B 64 20.76 16.64 27.57
CA ILE B 65 22.52 19.83 28.49
CA SER B 66 24.14 20.35 31.88
CA ASN B 67 24.22 23.53 33.99
CA THR B 68 24.75 26.11 31.29
CA THR B 69 26.56 29.42 31.87
CA THR B 70 27.44 32.48 29.77
CA ASP B 71 28.76 36.07 29.65
CA SER B 72 29.28 39.21 27.60
CA ARG B 73 31.64 42.12 27.06
CA CYS B 74 30.24 45.54 26.09
CA PRO B 75 30.64 46.82 22.50
CA THR B 76 34.14 46.67 21.04
CA GLN B 77 36.27 46.69 24.25
CA GLY B 78 37.04 42.95 24.08
CA GLU B 79 34.29 40.35 23.54
CA ALA B 80 34.45 38.01 26.56
CA THR B 81 36.42 34.71 26.34
CA LEU B 82 34.73 33.02 29.31
CA VAL B 83 36.68 29.95 30.49
CA GLU B 84 34.52 26.81 30.13
CA GLU B 85 34.82 26.38 26.33
CA GLN B 86 38.34 25.07 26.90
CA ASP B 87 37.73 21.62 28.36
CA THR B 88 36.41 19.88 25.21
CA ASN B 89 34.03 18.06 27.50
CA PHE B 90 31.48 20.86 26.85
CA VAL B 91 30.41 21.88 23.32
CA CYS B 92 29.20 25.48 22.84
CA ARG B 93 29.91 28.67 20.88
CA ARG B 94 29.83 32.48 20.85
CA THR B 95 27.93 35.38 19.26
CA PHE B 96 27.09 39.01 20.21
CA VAL B 97 24.13 41.20 21.40
CA ASP B 98 22.94 44.83 21.74
CA ARG B 99 24.45 47.21 24.26
CA GLY B 100 23.71 50.63 25.72
CA TRP B 101 22.56 52.75 28.62
CA GLY B 102 19.69 50.26 28.85
CA ASN B 103 21.45 47.04 29.71
CA GLY B 104 23.92 49.52 31.13
CA CYS B 105 27.18 49.94 29.23
CA GLY B 106 29.60 52.74 28.60
CA LEU B 107 28.46 52.49 24.97
CA PHE B 108 25.97 51.29 22.34
CA GLY B 109 26.00 49.35 19.10
CA LYS B 110 26.60 45.80 20.31
CA GLY B 111 29.11 43.75 22.26
CA SER B 112 29.23 39.93 22.52
CA LEU B 113 28.22 36.87 24.54
CA ILE B 114 29.62 33.35 24.70
CA THR B 115 27.01 30.71 25.62
CA CYS B 116 28.11 27.43 27.28
CA ALA B 117 27.42 24.17 29.12
CA LYS B 118 28.66 20.63 29.53
CA PHE B 119 27.18 17.68 27.69
CA LYS B 120 26.39 14.20 29.12
CA CYS B 121 25.92 11.86 26.13
CA VAL B 122 23.84 8.99 27.53
CA THR B 123 22.18 6.25 25.39
CA LYS B 124 23.76 5.68 21.98
CA LEU B 125 24.55 3.55 18.97
CA GLU B 126 27.92 2.00 18.01
CA GLY B 127 29.55 -0.22 15.38
CA LYS B 128 31.51 -3.44 15.05
CA ILE B 129 33.19 -4.41 11.76
CA VAL B 130 32.57 -8.17 11.73
CA GLN B 131 35.84 -9.81 10.48
CA TYR B 132 34.52 -13.06 8.88
CA GLU B 133 37.46 -15.21 10.08
CA ASN B 134 35.48 -15.83 13.22
CA LEU B 135 31.98 -16.42 11.74
CA LYS B 136 30.15 -19.76 11.60
CA TYR B 137 27.41 -21.19 9.46
CA SER B 138 24.38 -23.01 10.76
CA VAL B 139 23.84 -25.44 7.88
CA ILE B 140 21.19 -28.20 7.71
CA VAL B 141 20.55 -31.06 5.29
CA THR B 142 18.51 -34.14 6.28
CA VAL B 143 17.07 -35.85 3.19
CA HIS B 144 13.46 -36.99 3.04
CA THR B 145 12.38 -40.52 3.83
CA GLY B 146 13.56 -39.76 7.37
CA ASP B 147 10.08 -40.57 8.78
CA GLN B 148 6.68 -39.36 10.06
CA HIS B 149 6.79 -37.55 13.43
CA GLN B 150 6.35 -34.35 11.36
CA VAL B 151 7.24 -32.77 7.96
CA GLY B 152 9.10 -29.44 7.94
CA ASN B 153 10.81 -29.76 11.33
CA GLU B 154 13.50 -28.36 13.64
CA THR B 155 16.35 -30.28 15.40
CA THR B 156 14.93 -33.82 14.99
CA GLU B 157 16.10 -36.83 12.90
CA HIS B 158 17.82 -34.16 10.82
CA GLY B 159 21.11 -35.39 9.36
CA THR B 160 23.09 -33.37 11.87
CA THR B 161 23.43 -29.73 10.96
CA ALA B 162 27.17 -29.12 10.29
CA THR B 163 28.92 -25.77 10.57
CA ILE B 164 31.51 -24.24 8.29
CA THR B 165 34.03 -21.56 9.23
CA PRO B 166 36.52 -19.91 6.90
CA GLN B 167 39.06 -21.76 8.99
CA ALA B 168 37.48 -25.19 8.47
CA PRO B 169 35.99 -24.73 4.91
CA THR B 170 35.47 -28.47 4.40
CA SER B 171 32.82 -29.83 6.83
CA GLU B 172 32.30 -33.59 6.73
CA ILE B 173 28.59 -34.43 6.32
CA GLN B 174 28.43 -37.30 8.76
CA LEU B 175 25.03 -38.29 7.52
CA THR B 176 23.71 -41.41 9.22
CA ASP B 177 23.15 -44.85 7.58
CA TYR B 178 23.79 -43.38 4.17
CA GLY B 179 27.48 -42.69 4.52
CA ALA B 180 29.46 -39.45 4.70
CA LEU B 181 28.51 -36.75 2.13
CA THR B 182 30.94 -33.84 2.87
CA LEU B 183 30.79 -30.60 0.81
CA ASP B 184 33.49 -27.98 0.11
CA CYS B 185 32.69 -24.35 0.70
CA SER B 186 33.95 -20.80 0.82
CA PRO B 187 32.58 -18.86 3.79
CA ARG B 188 35.11 -16.18 2.91
CA THR B 189 32.97 -14.94 0.01
CA GLY B 190 29.25 -14.94 0.66
CA LEU B 191 27.47 -11.56 0.52
CA ASP B 192 30.38 -9.61 2.08
CA PHE B 193 30.37 -8.13 5.57
CA ASN B 194 32.91 -5.32 5.50
CA GLU B 195 30.65 -2.46 4.41
CA MET B 196 27.84 -3.46 6.71
CA VAL B 197 29.13 -2.75 10.20
CA LEU B 198 26.74 -3.39 13.10
CA LEU B 199 24.17 -1.24 14.90
CA THR B 200 22.37 -2.39 18.06
CA MET B 201 21.24 0.76 19.90
CA LYS B 202 18.63 -0.42 22.41
CA GLU B 203 18.66 -3.99 21.03
CA LYS B 204 17.97 -4.17 17.29
CA SER B 205 20.59 -4.97 14.62
CA TRP B 206 19.81 -3.71 11.12
CA LEU B 207 23.35 -3.68 9.61
CA VAL B 208 23.21 -1.51 6.46
CA HIS B 209 25.88 0.28 4.43
CA LYS B 210 29.13 2.00 5.32
CA GLN B 211 28.83 5.76 5.21
CA TRP B 212 26.03 5.95 7.79
CA PHE B 213 27.80 3.92 10.51
CA LEU B 214 30.26 6.81 9.98
CA ASP B 215 27.85 9.42 8.50
CA LEU B 216 24.74 11.46 9.29
CA PRO B 217 24.43 14.29 11.87
CA LEU B 218 24.82 12.71 15.29
CA PRO B 219 26.94 14.23 18.03
CA TRP B 220 29.47 11.56 17.02
CA THR B 221 31.91 9.97 19.50
CA SER B 222 35.48 8.62 19.60
CA GLY B 223 35.13 4.85 20.11
CA ALA B 224 35.01 2.98 23.48
CA SER B 225 33.45 5.17 26.26
CA THR B 226 34.28 5.04 29.99
CA SER B 227 33.79 8.56 31.34
CA GLN B 228 35.63 11.23 29.30
CA GLU B 229 35.54 11.17 25.48
CA THR B 230 34.99 14.35 23.55
CA TRP B 231 32.75 13.68 20.48
CA ASN B 232 32.86 15.78 17.38
CA ARG B 233 29.66 17.03 15.76
CA GLN B 234 28.94 18.08 19.34
CA ASP B 235 26.48 20.81 18.44
CA LEU B 236 24.63 18.31 16.19
CA LEU B 237 22.02 18.05 18.93
CA VAL B 238 21.02 21.06 20.97
CA THR B 239 21.32 24.42 19.22
CA PHE B 240 21.08 28.13 19.95
CA LYS B 241 18.52 30.96 19.66
CA THR B 242 18.48 34.58 20.88
CA ALA B 243 15.18 36.33 21.67
CA HIS B 244 15.82 39.33 19.28
CA ALA B 245 19.15 39.60 21.12
CA LYS B 246 20.09 40.13 24.79
CA LYS B 247 20.34 36.42 25.72
CA GLN B 248 21.10 33.56 23.33
CA GLU B 249 19.98 30.17 24.71
CA VAL B 250 20.40 26.52 23.94
CA VAL B 251 17.91 23.66 23.99
CA VAL B 252 18.55 19.89 23.85
CA LEU B 253 16.42 18.88 20.79
CA GLY B 254 15.22 15.56 22.16
CA SER B 255 15.96 11.89 21.71
CA GLN B 256 16.16 11.88 17.91
CA GLU B 257 16.38 8.08 18.38
CA GLY B 258 12.88 8.27 17.01
CA ALA B 259 13.75 9.25 13.47
CA MET B 260 16.46 6.77 14.13
CA HIS B 261 14.51 3.76 12.98
CA THR B 262 12.66 5.74 10.33
CA ALA B 263 16.04 6.27 8.69
CA LEU B 264 17.23 2.64 8.79
CA THR B 265 14.47 1.58 6.39
CA GLY B 266 16.38 0.31 3.36
CA ALA B 267 18.34 -2.26 5.29
CA THR B 268 17.66 -5.57 6.96
CA GLU B 269 17.23 -6.35 10.60
CA ILE B 270 18.45 -9.55 12.21
CA GLN B 271 17.77 -10.38 15.86
CA THR B 272 19.98 -8.52 18.31
CA SER B 273 20.13 -10.55 21.57
CA GLY B 274 23.76 -11.49 22.23
CA THR B 275 26.12 -13.54 20.05
CA THR B 276 24.81 -11.44 17.16
CA THR B 277 22.68 -14.01 15.34
CA ILE B 278 21.98 -13.79 11.58
CA PHE B 279 19.07 -14.52 9.24
CA ALA B 280 19.83 -13.26 5.69
CA GLY B 281 22.61 -14.01 3.19
CA HIS B 282 23.91 -17.10 1.35
CA LEU B 283 26.91 -19.25 0.44
CA LYS B 284 27.24 -20.53 -3.15
CA CYS B 285 29.51 -23.59 -2.87
CA ARG B 286 30.14 -27.14 -4.14
CA LEU B 287 29.30 -30.52 -2.61
CA LYS B 288 30.39 -34.19 -2.74
CA MET B 289 28.47 -37.45 -1.93
CA ASP B 290 28.96 -40.78 -3.72
CA LYS B 291 28.61 -42.22 -0.23
CA LEU B 292 24.92 -42.47 0.53
CA THR B 293 24.46 -46.07 -0.64
CA LEU B 294 20.74 -45.30 -1.45
CA LYS B 295 19.24 -44.87 2.05
CA GLY B 296 19.20 -48.63 2.57
CA VAL B 297 17.40 -49.71 -0.62
CA SER B 298 18.49 -53.23 -1.58
CA TYR B 299 15.48 -55.23 -0.40
CA VAL B 300 12.36 -57.02 -1.67
CA MET B 301 8.80 -55.91 -2.70
CA CYS B 302 6.24 -56.01 0.14
CA THR B 303 2.89 -57.62 -0.52
CA GLY B 304 0.43 -54.82 0.19
CA SER B 305 -2.83 -53.80 1.94
CA PHE B 306 -2.38 -50.37 3.56
CA LYS B 307 -3.76 -46.83 3.22
CA LEU B 308 -3.66 -43.06 3.60
CA GLU B 309 -3.55 -41.10 6.86
CA LYS B 310 -3.30 -37.61 5.38
CA GLU B 311 -4.54 -37.83 1.79
CA VAL B 312 -2.39 -36.26 -0.96
CA ALA B 313 -2.91 -32.45 -0.74
CA GLU B 314 0.36 -31.09 -2.21
CA THR B 315 2.12 -27.75 -2.24
CA GLN B 316 2.39 -24.81 -4.57
CA HIS B 317 4.74 -26.72 -6.82
CA GLY B 318 3.56 -30.21 -7.79
CA THR B 319 5.06 -31.76 -4.73
CA VAL B 320 3.03 -34.51 -3.03
CA LEU B 321 2.50 -36.01 0.47
CA VAL B 322 0.39 -38.93 1.67
CA GLN B 323 1.59 -42.09 3.50
CA VAL B 324 0.52 -45.66 4.42
CA LYS B 325 1.10 -48.65 6.73
CA TYR B 326 2.31 -51.36 4.31
CA GLU B 327 1.36 -54.61 5.95
CA GLY B 328 2.58 -58.10 5.18
CA THR B 329 6.33 -58.70 5.55
CA ASP B 330 8.71 -56.24 7.29
CA ALA B 331 10.72 -53.01 7.02
CA PRO B 332 13.14 -53.66 4.06
CA CYS B 333 11.13 -54.38 0.85
CA LYS B 334 10.68 -51.19 -1.27
CA ILE B 335 7.33 -49.35 -1.72
CA PRO B 336 6.05 -50.02 -5.29
CA PHE B 337 4.21 -46.74 -5.99
CA SER B 338 4.57 -45.14 -9.39
CA SER B 339 2.21 -42.45 -10.66
CA GLN B 340 0.63 -44.72 -13.33
CA ASP B 341 -1.87 -43.39 -15.87
CA GLU B 342 -5.62 -44.05 -16.58
CA LYS B 343 -4.98 -45.45 -20.06
CA GLY B 344 -4.44 -48.90 -18.61
CA VAL B 345 -0.82 -47.98 -17.82
CA ILE B 346 1.55 -46.33 -20.38
CA GLN B 347 3.44 -44.83 -17.36
CA ASN B 348 4.99 -41.62 -16.04
CA GLY B 349 4.69 -39.75 -12.77
CA ARG B 350 8.32 -39.00 -11.96
CA LEU B 351 8.03 -39.26 -8.18
CA ILE B 352 10.89 -37.78 -6.17
CA THR B 353 12.56 -38.97 -2.92
CA ALA B 354 14.51 -41.91 -4.50
CA ASN B 355 11.83 -44.23 -3.07
CA PRO B 356 10.97 -44.86 0.64
CA ILE B 357 13.19 -47.07 2.89
CA VAL B 358 9.86 -48.89 3.13
CA THR B 359 10.12 -48.29 6.89
CA ASP B 360 8.97 -51.41 8.86
CA LYS B 361 5.97 -53.57 9.83
CA GLU B 362 3.18 -51.23 10.86
CA LYS B 363 4.42 -47.73 10.09
CA PRO B 364 3.46 -44.55 8.21
CA VAL B 365 6.32 -43.47 5.84
CA ASN B 366 6.67 -40.15 3.91
CA ILE B 367 6.81 -40.09 0.06
CA GLU B 368 6.12 -37.15 -2.28
CA ALA B 369 5.26 -37.86 -5.95
CA GLU B 370 4.02 -35.04 -8.25
CA PRO B 371 2.51 -36.07 -11.59
CA PRO B 372 2.21 -33.69 -14.54
CA PHE B 373 -1.22 -32.22 -15.10
CA GLY B 374 -2.83 -35.37 -16.52
CA GLU B 375 -4.93 -36.10 -13.43
CA SER B 376 -4.01 -39.81 -13.55
CA TYR B 377 -3.68 -42.25 -10.65
CA ILE B 378 -1.07 -43.53 -8.28
CA VAL B 379 -0.30 -47.27 -8.26
CA VAL B 380 -1.05 -49.14 -4.99
CA GLY B 381 0.96 -52.20 -3.94
CA ALA B 382 0.85 -54.43 -7.01
CA GLY B 383 -2.19 -56.64 -7.55
CA GLU B 384 -5.11 -54.53 -6.38
CA LYS B 385 -4.73 -55.14 -2.67
CA ALA B 386 -5.72 -51.44 -2.38
CA LEU B 387 -5.71 -47.70 -3.29
CA LYS B 388 -5.44 -45.65 -6.51
CA LEU B 389 -6.46 -41.94 -6.34
CA SER B 390 -7.84 -39.74 -9.13
CA TRP B 391 -5.47 -37.04 -7.95
CA PHE B 392 -3.64 -34.47 -10.17
CA LYS B 393 -2.31 -30.93 -10.74
CA LYS B 394 -4.08 -27.88 -12.24
CA GLY B 395 -1.77 -25.21 -13.63
CA SER B 396 -0.51 -26.49 -17.03
CA SER B 397 2.98 -27.37 -18.32
CA ILE B 398 2.94 -24.00 -20.10
CA GLY B 399 2.94 -21.16 -17.60
CA LYS B 400 5.21 -23.38 -15.53
CA MET B 401 8.00 -22.61 -18.00
CA PHE B 402 7.42 -18.94 -17.10
CA GLU B 403 7.55 -19.01 -13.39
CA ALA B 404 10.67 -21.04 -14.00
CA THR B 405 13.30 -18.49 -15.27
CA ALA B 406 10.76 -15.89 -14.11
CA ARG B 407 11.70 -17.13 -10.65
CA GLY B 408 15.39 -17.48 -11.53
CA ALA B 409 15.58 -13.77 -12.30
CA ARG B 410 13.23 -12.89 -9.43
CA ARG B 411 16.31 -13.72 -7.38
CA MET B 412 19.32 -13.83 -9.63
CA ALA B 413 18.93 -10.03 -9.63
CA ILE B 414 19.49 -10.48 -5.90
CA LEU B 415 22.65 -12.57 -6.38
CA GLY B 416 24.46 -11.32 -9.53
CA ASP B 417 25.98 -14.78 -10.10
CA THR B 418 25.30 -16.86 -13.26
CA ALA B 419 22.29 -16.95 -15.66
CA TRP B 420 21.18 -20.00 -13.55
CA ASP B 421 23.91 -20.31 -10.74
CA PHE B 422 23.18 -23.92 -9.66
CA GLY B 423 24.37 -26.13 -12.53
CA SER B 424 27.77 -27.67 -13.16
CA ILE B 425 30.40 -26.35 -15.65
CA GLY B 426 31.36 -26.44 -19.40
CA GLY B 427 29.46 -24.27 -21.85
CA VAL B 428 26.54 -26.54 -23.09
CA PHE B 429 23.81 -23.82 -22.09
CA THR B 430 26.27 -21.17 -20.51
CA SER B 431 28.37 -22.29 -17.46
CA VAL B 432 31.60 -20.39 -16.72
CA GLY B 433 30.85 -19.17 -20.22
CA LYS B 434 28.93 -16.21 -18.78
CA LEU B 435 31.16 -13.81 -16.82
CA VAL B 436 28.74 -11.28 -18.24
CA HIS B 437 26.37 -10.64 -15.34
CA GLN B 438 29.08 -12.42 -13.36
CA ILE B 439 32.01 -9.91 -13.09
CA PHE B 440 29.96 -7.63 -15.30
CA GLY B 441 28.12 -5.97 -12.42
CA THR B 442 29.64 -2.44 -12.05
CA ALA B 443 27.16 0.09 -13.54
CA TYR B 444 23.75 -1.36 -14.72
CA GLY B 445 22.41 -2.76 -11.51
CA VAL B 446 25.33 -1.22 -9.50
CA LEU B 447 26.98 2.01 -10.76
CA PHE B 448 23.42 3.30 -11.30
CA SER B 449 21.82 2.72 -7.88
CA GLY B 450 20.77 4.61 -4.72
CA VAL B 451 17.22 5.15 -6.03
CA SER B 452 14.36 4.13 -3.76
CA TRP B 453 12.48 0.82 -4.12
CA THR B 454 9.15 1.76 -5.55
CA MET B 455 10.99 4.53 -7.35
CA LYS B 456 13.73 3.28 -9.74
CA ILE B 457 10.72 3.65 -12.02
CA GLY B 458 10.89 7.43 -12.00
CA ILE B 459 13.83 6.44 -14.20
CA GLY B 460 11.90 3.55 -15.62
CA ILE B 461 9.41 4.86 -18.22
CA LEU B 462 12.24 7.33 -18.76
CA LEU B 463 15.22 6.15 -20.82
CA THR B 464 12.76 4.21 -22.97
CA TRP B 465 11.75 7.63 -24.28
CA LEU B 466 14.95 7.32 -26.28
CA GLY B 467 14.07 3.85 -27.49
CA LEU B 468 11.02 5.49 -29.07
CA ASN B 469 13.25 7.32 -31.59
CA SER B 470 16.15 6.38 -33.92
CA ARG B 471 19.71 7.15 -32.80
CA SER B 472 22.54 4.68 -33.70
CA THR B 473 21.71 0.98 -34.64
CA SER B 474 21.86 0.91 -30.82
CA LEU B 475 18.35 2.23 -31.33
CA SER B 476 16.96 -0.57 -29.11
CA MET B 477 20.15 -1.86 -27.45
CA THR B 478 19.95 1.51 -25.73
CA CYS B 479 16.43 0.64 -24.53
CA ILE B 480 16.92 -2.80 -22.97
CA ALA B 481 18.69 -0.58 -20.47
CA VAL B 482 15.37 -0.99 -18.65
CA GLY B 483 16.54 -4.49 -17.71
CA MET B 484 17.32 -5.11 -14.00
CA VAL B 485 16.20 -1.41 -13.93
CA THR B 486 12.54 -1.47 -14.77
CA LEU B 487 10.83 -4.81 -15.66
CA TYR B 488 12.22 -6.75 -12.66
CA LEU B 489 12.92 -3.80 -10.34
CA GLY B 490 9.87 -1.84 -11.48
CA VAL B 491 7.31 -3.93 -9.55
CA MET B 492 8.31 -7.26 -7.81
CA VAL B 493 11.46 -5.89 -6.03
CA GLN B 494 10.17 -4.21 -2.78
CA ALA B 495 12.17 -6.01 0.00
CA MET C 1 13.85 57.10 26.22
CA ARG C 2 12.80 53.46 26.44
CA CYS C 3 13.42 52.31 22.91
CA VAL C 4 16.44 54.61 22.60
CA GLY C 5 19.33 52.29 21.73
CA ILE C 6 17.79 48.94 20.78
CA SER C 7 18.27 48.58 17.01
CA ASN C 8 15.29 48.54 14.62
CA ARG C 9 14.60 52.17 15.64
CA ASP C 10 12.33 53.32 12.77
CA PHE C 11 11.78 57.13 12.62
CA VAL C 12 8.84 59.01 11.06
CA GLU C 13 7.70 62.53 12.01
CA GLY C 14 4.61 63.49 10.00
CA LEU C 15 1.13 63.19 11.50
CA SER C 16 -0.61 65.32 8.87
CA ALA C 17 -4.10 66.55 9.83
CA THR C 18 -3.49 65.27 13.41
CA GLY C 19 -3.67 61.77 14.88
CA TRP C 20 -2.27 60.27 11.74
CA VAL C 21 0.83 58.14 11.77
CA ASP C 22 0.02 54.40 11.62
CA VAL C 23 2.45 52.14 13.41
CA VAL C 24 2.83 48.40 13.44
CA LEU C 25 5.24 47.05 16.09
CA GLU C 26 6.10 43.34 16.38
CA HIS C 27 7.38 42.31 19.84
CA GLY C 28 10.98 42.91 18.91
CA SER C 29 11.48 46.68 18.43
CA CYS C 30 9.69 50.03 18.19
CA VAL C 31 9.23 53.28 16.37
CA THR C 32 10.62 56.73 17.21
CA THR C 33 8.59 59.48 15.60
CA MET C 34 8.51 63.21 16.37
CA ALA C 35 6.16 65.30 14.19
CA LYS C 36 7.05 68.72 15.69
CA ASP C 37 5.68 70.31 18.88
CA LYS C 38 3.90 67.23 20.25
CA PRO C 39 6.33 66.02 22.94
CA THR C 40 8.55 63.02 22.23
CA LEU C 41 6.80 59.80 21.26
CA ASP C 42 7.86 56.21 20.61
CA ILE C 43 6.25 52.81 21.29
CA GLU C 44 6.69 49.01 21.36
CA LEU C 45 4.82 45.81 22.13
CA LEU C 46 5.85 43.40 24.92
CA LYS C 47 3.46 40.56 25.69
CA THR C 48 0.39 39.60 23.67
CA GLU C 49 -1.29 36.72 25.55
CA VAL C 50 -4.61 34.98 24.89
CA THR C 51 -6.18 33.30 27.93
CA ASN C 52 -8.46 31.25 25.60
CA PRO C 53 -6.68 28.05 24.42
CA ALA C 54 -9.20 25.22 23.92
CA ILE C 55 -7.31 22.04 22.86
CA LEU C 56 -7.50 20.58 19.39
CA ARG C 57 -6.41 17.23 17.97
CA LYS C 58 -4.86 14.85 20.58
CA LEU C 59 -1.84 12.89 19.23
CA CYS C 60 1.25 11.48 20.99
CA ILE C 61 4.64 10.13 19.95
CA GLU C 62 6.14 6.79 20.98
CA ALA C 63 4.25 4.02 22.79
CA LYS C 64 5.02 0.66 24.41
CA ILE C 65 3.15 -2.43 23.24
CA SER C 66 2.70 -5.53 25.40
CA ASN C 67 0.30 -8.43 25.36
CA THR C 68 0.86 -9.33 21.73
CA THR C 69 -1.17 -12.29 20.45
CA THR C 70 -1.25 -14.12 17.05
CA ASP C 71 -3.67 -16.45 15.14
CA SER C 72 -4.23 -18.87 12.12
CA ARG C 73 -7.24 -20.56 10.37
CA CYS C 74 -5.16 -22.43 7.74
CA PRO C 75 -5.30 -23.05 3.96
CA THR C 76 -8.10 -20.75 2.86
CA GLN C 77 -10.32 -20.52 5.93
CA GLY C 78 -10.57 -16.74 6.24
CA GLU C 79 -9.86 -15.42 9.78
CA ALA C 80 -10.88 -16.21 13.42
CA THR C 81 -10.33 -12.96 15.29
CA LEU C 82 -9.17 -13.35 18.88
CA VAL C 83 -11.46 -11.00 20.74
CA GLU C 84 -8.36 -8.90 21.49
CA GLU C 85 -8.95 -7.43 18.03
CA GLN C 86 -12.52 -6.53 18.93
CA ASP C 87 -11.09 -4.04 21.45
CA THR C 88 -11.20 -0.28 20.83
CA ASN C 89 -7.39 0.16 20.71
CA PHE C 90 -4.37 -2.21 20.55
CA VAL C 91 -3.74 -2.09 16.77
CA CYS C 92 -3.56 -5.20 14.55
CA ARG C 93 -3.30 -6.20 10.86
CA ARG C 94 -3.78 -9.28 8.62
CA THR C 95 -1.22 -11.02 6.26
CA PHE C 96 -0.16 -14.66 5.53
CA VAL C 97 2.93 -16.74 6.28
CA ASP C 98 1.17 -20.08 5.77
CA ARG C 99 2.17 -23.73 6.25
CA GLY C 100 1.03 -27.35 5.72
CA TRP C 101 1.93 -30.51 7.63
CA GLY C 102 4.81 -28.29 8.75
CA ASN C 103 2.48 -27.09 11.46
CA GLY C 104 -0.12 -29.71 10.65
CA CYS C 105 -2.84 -28.24 8.45
CA GLY C 106 -4.80 -30.22 5.89
CA LEU C 107 -3.31 -28.69 2.75
CA PHE C 108 -0.17 -26.65 2.01
CA GLY C 109 -1.43 -23.25 0.97
CA LYS C 110 -1.88 -20.24 3.19
CA GLY C 111 -2.52 -20.39 6.99
CA SER C 112 -3.58 -17.15 8.87
CA LEU C 113 -2.04 -14.06 10.50
CA ILE C 114 -3.21 -10.85 12.19
CA THR C 115 -1.95 -10.29 15.80
CA CYS C 116 -2.60 -7.34 18.17
CA ALA C 117 -0.90 -5.50 21.02
CA LYS C 118 -1.19 -2.49 23.37
CA PHE C 119 -0.56 1.26 23.04
CA LYS C 120 -0.13 3.19 26.31
CA CYS C 121 1.31 6.44 24.88
CA VAL C 122 3.44 8.89 26.86
CA THR C 123 4.58 11.67 24.46
CA LYS C 124 2.03 14.44 24.15
CA LEU C 125 2.21 17.84 22.45
CA GLU C 126 -1.39 18.75 21.63
CA GLY C 127 -1.78 22.43 20.86
CA LYS C 128 -5.02 24.37 21.07
CA ILE C 129 -6.72 27.06 19.03
CA VAL C 130 -6.14 30.79 19.53
CA GLN C 131 -9.54 32.49 19.17
CA TYR C 132 -9.94 36.07 17.93
CA GLU C 133 -12.58 36.57 20.61
CA ASN C 134 -9.90 38.38 22.64
CA LEU C 135 -6.12 38.46 22.82
CA LYS C 136 -4.94 40.92 25.52
CA TYR C 137 -2.16 42.64 23.55
CA SER C 138 0.11 44.40 26.02
CA VAL C 139 1.56 47.65 24.68
CA ILE C 140 3.76 50.46 25.96
CA VAL C 141 3.87 54.25 25.33
CA THR C 142 6.98 56.48 25.35
CA VAL C 143 7.98 60.06 26.18
CA HIS C 144 11.43 61.61 26.21
CA THR C 145 10.99 63.13 29.67
CA GLY C 146 14.76 62.81 29.60
CA ASP C 147 15.78 61.51 33.01
CA GLN C 148 18.79 59.82 34.52
CA HIS C 149 15.97 57.71 35.88
CA GLN C 150 17.31 55.53 33.05
CA VAL C 151 16.77 55.98 29.31
CA GLY C 152 17.14 52.59 27.70
CA ASN C 153 15.53 51.15 30.81
CA GLU C 154 12.80 49.09 29.16
CA THR C 155 12.21 46.83 32.15
CA THR C 156 10.31 48.64 34.96
CA GLU C 157 8.54 51.92 34.34
CA HIS C 158 9.51 55.52 33.68
CA GLY C 159 6.55 55.26 31.31
CA THR C 160 2.98 53.94 31.26
CA THR C 161 1.35 51.21 29.16
CA ALA C 162 -2.00 49.72 28.13
CA THR C 163 -3.85 46.98 26.29
CA ILE C 164 -5.99 46.67 23.19
CA THR C 165 -7.89 43.39 22.74
CA PRO C 166 -10.43 43.30 19.90
CA GLN C 167 -12.72 43.44 22.92
CA ALA C 168 -11.99 47.14 23.53
CA PRO C 169 -9.32 48.02 20.87
CA THR C 170 -8.90 51.68 21.87
CA SER C 171 -8.12 53.38 25.24
CA GLU C 172 -6.62 56.86 25.47
CA ILE C 173 -3.93 56.51 28.12
CA GLN C 174 -2.32 59.22 30.14
CA LEU C 175 0.98 59.96 31.93
CA THR C 176 2.42 62.99 33.72
CA ASP C 177 1.05 66.09 31.90
CA TYR C 178 1.54 65.99 28.10
CA GLY C 179 -2.25 65.76 28.01
CA ALA C 180 -4.12 62.95 26.23
CA LEU C 181 -2.41 60.66 23.72
CA THR C 182 -5.12 58.27 22.47
CA LEU C 183 -5.03 55.85 19.51
CA ASP C 184 -6.85 52.83 18.12
CA CYS C 185 -6.05 49.54 16.40
CA SER C 186 -7.72 46.50 14.83
CA PRO C 187 -6.19 43.67 16.84
CA ARG C 188 -8.61 41.29 15.14
CA THR C 189 -6.43 41.50 12.06
CA GLY C 190 -2.76 41.87 12.94
CA LEU C 191 -0.33 39.03 12.23
CA ASP C 192 -3.44 36.84 12.72
CA PHE C 193 -3.88 33.26 13.93
CA ASN C 194 -6.67 30.74 13.35
CA GLU C 195 -4.15 29.05 11.05
CA MET C 196 -1.90 28.16 13.98
CA VAL C 197 -1.95 26.49 17.40
CA LEU C 198 0.62 25.50 20.06
CA LEU C 199 1.65 21.80 20.47
CA THR C 200 3.66 22.65 23.61
CA MET C 201 5.09 19.13 24.30
CA LYS C 202 7.58 19.08 27.15
CA GLU C 203 7.37 22.96 27.30
CA LYS C 204 8.05 24.60 23.93
CA SER C 205 5.63 27.04 22.14
CA TRP C 206 5.27 26.79 18.32
CA LEU C 207 2.69 27.64 15.66
CA VAL C 208 2.41 26.83 11.89
CA HIS C 209 -0.36 25.89 9.41
CA LYS C 210 -3.63 24.41 10.54
CA GLN C 211 -3.75 21.04 8.69
CA TRP C 212 -0.18 20.71 9.93
CA PHE C 213 -1.02 20.60 13.63
CA LEU C 214 -3.61 17.91 12.72
CA ASP C 215 -1.41 16.38 10.09
CA LEU C 216 2.12 14.93 10.21
CA PRO C 217 1.37 11.18 10.42
CA LEU C 218 1.61 9.05 13.54
CA PRO C 219 -1.02 8.01 16.03
CA TRP C 220 -3.43 10.80 16.74
CA THR C 221 -6.60 11.09 18.65
CA SER C 222 -9.44 13.25 19.93
CA GLY C 223 -9.48 17.04 19.76
CA ALA C 224 -10.88 17.07 23.31
CA SER C 225 -11.83 13.79 24.98
CA THR C 226 -9.26 13.09 27.78
CA SER C 227 -10.13 9.34 27.63
CA GLN C 228 -7.31 8.79 25.12
CA GLU C 229 -9.27 6.33 22.94
CA THR C 230 -9.44 4.67 19.51
CA TRP C 231 -6.67 7.10 18.52
CA ASN C 232 -7.71 8.17 14.98
CA ARG C 233 -5.60 6.00 12.65
CA GLN C 234 -2.87 5.70 15.27
CA ASP C 235 -0.88 2.47 14.77
CA LEU C 236 1.59 3.93 12.29
CA LEU C 237 3.98 4.32 15.19
CA VAL C 238 4.68 0.61 15.13
CA THR C 239 5.42 -2.06 12.52
CA PHE C 240 4.84 -5.80 12.24
CA LYS C 241 7.11 -7.23 9.55
CA THR C 242 6.71 -10.95 9.05
CA ALA C 243 9.93 -12.77 9.79
CA HIS C 244 11.21 -15.23 7.16
CA ALA C 245 7.78 -16.15 5.74
CA LYS C 246 7.43 -17.39 9.37
CA LYS C 247 5.10 -15.49 11.74
CA GLN C 248 5.26 -11.63 11.76
CA GLU C 249 6.04 -10.08 15.20
CA VAL C 250 5.45 -6.32 15.64
CA VAL C 251 7.60 -3.76 17.44
CA VAL C 252 7.10 -0.19 18.68
CA LEU C 253 9.42 2.66 17.61
CA GLY C 254 10.87 5.62 19.57
CA SER C 255 10.05 9.17 20.74
CA GLN C 256 10.03 10.93 17.42
CA GLU C 257 9.67 13.96 19.67
CA GLY C 258 13.44 14.27 19.53
CA ALA C 259 14.14 14.16 15.81
CA MET C 260 10.57 15.27 15.23
CA HIS C 261 11.89 18.65 16.38
CA THR C 262 13.64 19.04 13.10
CA ALA C 263 10.11 19.25 11.78
CA LEU C 264 9.18 22.32 13.81
CA THR C 265 12.01 24.12 12.00
CA GLY C 266 10.15 26.75 9.96
CA ALA C 267 8.37 28.14 12.95
CA THR C 268 8.46 30.42 15.90
CA GLU C 269 8.11 28.57 19.21
CA ILE C 270 7.45 31.49 21.56
CA GLN C 271 7.56 30.99 25.34
CA THR C 272 5.16 28.40 26.85
CA SER C 273 4.40 28.43 30.62
CA GLY C 274 1.76 30.39 32.47
CA THR C 275 -0.99 31.61 30.12
CA THR C 276 0.03 31.96 26.49
CA THR C 277 2.66 34.70 26.85
CA ILE C 278 3.89 35.51 23.32
CA PHE C 279 6.03 37.75 21.10
CA ALA C 280 6.34 38.74 17.45
CA GLY C 281 3.20 40.41 16.09
CA HIS C 282 1.53 43.56 14.71
CA LEU C 283 -1.34 45.92 15.25
CA LYS C 284 -2.15 48.79 12.91
CA CYS C 285 -2.96 51.99 14.85
CA ARG C 286 -3.85 55.51 13.81
CA LEU C 287 -2.65 57.11 17.09
CA LYS C 288 -4.74 60.32 17.48
CA MET C 289 -2.88 63.44 18.65
CA ASP C 290 -3.59 66.85 20.13
CA LYS C 291 -3.76 67.68 23.83
CA LEU C 292 -0.24 66.48 24.76
CA THR C 293 1.06 69.95 25.55
CA LEU C 294 4.88 69.95 25.84
CA LYS C 295 6.43 69.65 29.22
CA GLY C 296 8.52 72.64 28.30
CA VAL C 297 6.48 75.43 26.75
CA SER C 298 5.59 77.41 29.86
CA TYR C 299 9.25 77.32 30.84
CA VAL C 300 11.86 79.96 31.69
CA MET C 301 15.45 79.97 30.46
CA CYS C 302 18.06 77.81 32.14
CA THR C 303 21.38 79.60 32.50
CA GLY C 304 24.59 79.31 34.51
CA SER C 305 27.16 76.66 33.52
CA PHE C 306 26.44 72.99 32.70
CA LYS C 307 28.07 69.52 32.53
CA LEU C 308 27.78 65.91 31.30
CA GLU C 309 28.48 62.35 32.45
CA LYS C 310 27.00 60.18 29.77
CA GLU C 311 30.02 61.12 27.64
CA VAL C 312 28.02 61.24 24.39
CA ALA C 313 27.43 57.98 22.50
CA GLU C 314 24.84 56.82 19.92
CA THR C 315 23.10 53.87 18.19
CA GLN C 316 23.60 51.83 15.08
CA HIS C 317 21.72 54.61 13.28
CA GLY C 318 23.64 57.77 14.20
CA THR C 319 21.30 59.53 16.68
CA VAL C 320 23.69 60.34 19.54
CA LEU C 321 22.58 61.38 23.02
CA VAL C 322 24.06 62.46 26.39
CA GLN C 323 23.75 63.44 30.06
CA VAL C 324 23.55 66.91 31.57
CA LYS C 325 23.51 68.62 34.97
CA TYR C 326 23.78 72.37 35.04
CA GLU C 327 23.12 73.65 38.57
CA GLY C 328 23.00 77.40 37.98
CA THR C 329 19.63 79.09 38.64
CA ASP C 330 16.68 76.63 38.53
CA ALA C 331 12.94 76.34 37.91
CA PRO C 332 11.51 74.07 35.19
CA CYS C 333 13.16 76.43 32.71
CA LYS C 334 13.51 75.83 28.99
CA ILE C 335 17.08 74.70 28.20
CA PRO C 336 19.62 76.04 25.56
CA PHE C 337 20.66 72.98 23.50
CA SER C 338 21.80 72.82 19.91
CA SER C 339 24.48 71.57 17.50
CA GLN C 340 26.03 73.92 14.95
CA ASP C 341 28.63 74.52 12.18
CA GLU C 342 32.32 73.52 12.51
CA LYS C 343 32.90 76.71 14.40
CA GLY C 344 30.77 79.65 13.41
CA VAL C 345 27.04 79.65 12.80
CA ILE C 346 24.62 78.24 10.21
CA GLN C 347 24.50 75.24 12.62
CA ASN C 348 22.70 71.91 12.05
CA GLY C 349 21.23 68.81 13.68
CA ARG C 350 17.76 67.65 14.67
CA LEU C 351 17.27 67.31 18.42
CA ILE C 352 14.61 64.62 18.14
CA THR C 353 13.77 65.16 21.80
CA ALA C 354 10.97 67.77 21.34
CA ASN C 355 13.38 69.53 23.70
CA PRO C 356 14.16 68.66 27.38
CA ILE C 357 12.31 69.65 30.52
CA VAL C 358 15.14 69.60 33.01
CA THR C 359 13.39 69.82 36.35
CA ASP C 360 14.93 71.63 39.28
CA LYS C 361 18.42 70.94 40.59
CA GLU C 362 20.97 69.97 37.97
CA LYS C 363 19.91 66.29 37.76
CA PRO C 364 20.91 65.74 34.10
CA VAL C 365 18.57 64.71 31.35
CA ASN C 366 19.21 62.14 28.66
CA ILE C 367 18.42 64.12 25.53
CA GLU C 368 19.60 63.08 22.06
CA ALA C 369 20.71 65.39 19.22
CA GLU C 370 21.55 64.50 15.62
CA PRO C 371 24.62 65.79 13.68
CA PRO C 372 25.20 65.24 9.95
CA PHE C 373 28.45 63.27 9.59
CA GLY C 374 31.06 65.99 9.12
CA GLU C 375 32.00 66.68 12.73
CA SER C 376 29.86 69.64 13.87
CA TYR C 377 29.54 70.93 17.38
CA ILE C 378 27.34 70.36 20.35
CA VAL C 379 26.95 73.65 22.20
CA VAL C 380 24.55 73.11 25.07
CA GLY C 381 24.26 75.92 27.60
CA ALA C 382 23.92 79.62 28.35
CA GLY C 383 25.58 81.65 25.57
CA GLU C 384 28.02 82.76 28.22
CA LYS C 385 30.49 79.93 27.91
CA ALA C 386 28.39 76.93 28.78
CA LEU C 387 29.74 73.78 27.03
CA LYS C 388 31.15 72.68 23.67
CA LEU C 389 31.90 69.44 21.77
CA SER C 390 33.10 67.97 18.47
CA TRP C 391 31.65 64.66 17.26
CA PHE C 392 31.01 62.93 13.92
CA LYS C 393 29.88 59.85 12.00
CA LYS C 394 31.66 58.52 8.87
CA GLY C 395 30.61 58.52 5.16
CA SER C 396 26.83 58.08 4.82
CA SER C 397 24.65 60.94 3.58
CA ILE C 398 22.43 60.35 0.49
CA GLY C 399 24.96 57.47 0.04
CA LYS C 400 23.54 55.39 2.86
CA MET C 401 19.97 56.22 1.95
CA PHE C 402 20.32 52.58 0.95
CA GLU C 403 18.70 51.23 4.11
CA ALA C 404 16.06 54.03 3.94
CA THR C 405 14.22 51.76 1.45
CA ALA C 406 17.08 49.11 1.45
CA ARG C 407 15.52 47.96 4.64
CA GLY C 408 12.26 49.13 3.10
CA ALA C 409 11.86 45.49 2.05
CA ARG C 410 13.06 44.08 5.33
CA ARG C 411 10.50 46.73 6.60
CA MET C 412 8.20 45.09 4.07
CA ALA C 413 8.28 41.41 3.00
CA ILE C 414 8.33 40.63 6.71
CA LEU C 415 5.30 42.73 7.67
CA GLY C 416 3.79 40.98 4.63
CA ASP C 417 2.02 43.22 2.09
CA THR C 418 0.40 45.64 4.51
CA ALA C 419 3.76 47.21 3.69
CA TRP C 420 4.20 50.97 3.20
CA ASP C 421 1.50 51.87 5.76
CA PHE C 422 4.17 53.29 8.06
CA GLY C 423 4.00 56.87 6.84
CA SER C 424 1.15 59.36 7.09
CA ILE C 425 -2.07 58.77 5.27
CA GLY C 426 -4.20 59.51 2.18
CA GLY C 427 -2.93 62.11 -0.27
CA VAL C 428 -2.87 59.00 -2.47
CA PHE C 429 0.80 59.90 -3.47
CA THR C 430 1.42 56.33 -2.16
CA SER C 431 -1.31 55.50 0.39
CA VAL C 432 -3.57 54.10 -2.36
CA GLY C 433 -0.70 52.50 -4.25
CA LYS C 434 0.34 50.19 -1.36
CA LEU C 435 -3.13 48.74 -1.81
CA VAL C 436 -2.70 47.40 -5.31
CA HIS C 437 0.21 45.64 -3.75
CA GLN C 438 -2.18 43.20 -1.97
CA ILE C 439 -3.74 42.05 -5.22
CA PHE C 440 -0.28 40.66 -5.79
CA GLY C 441 -0.03 38.88 -2.49
CA THR C 442 -2.17 36.47 -4.48
CA ALA C 443 0.67 36.17 -7.01
CA TYR C 444 3.76 37.03 -4.85
CA GLY C 445 1.95 34.73 -2.38
CA VAL C 446 -0.62 32.15 -3.50
CA LEU C 447 2.10 31.08 -5.92
CA PHE C 448 5.03 30.29 -3.60
CA SER C 449 5.65 27.84 -0.67
CA GLY C 450 9.53 25.17 0.74
CA VAL C 451 12.08 27.99 0.44
CA SER C 452 15.16 27.52 2.69
CA TRP C 453 18.08 29.99 3.49
CA THR C 454 18.48 28.33 0.06
CA MET C 455 15.88 26.58 -2.18
CA LYS C 456 13.59 29.45 -3.35
CA ILE C 457 16.72 30.61 -5.19
CA GLY C 458 16.97 27.36 -7.11
CA ILE C 459 13.98 29.01 -8.79
CA GLY C 460 15.04 32.61 -9.34
CA ILE C 461 18.14 31.86 -11.42
CA LEU C 462 15.68 30.12 -13.82
CA LEU C 463 12.72 32.27 -15.00
CA THR C 464 15.35 34.82 -15.81
CA TRP C 465 17.34 32.44 -18.06
CA LEU C 466 14.69 33.69 -20.42
CA GLY C 467 17.19 36.58 -20.75
CA LEU C 468 16.96 38.08 -24.32
CA ASN C 469 15.17 34.69 -24.85
CA SER C 470 11.47 35.34 -25.78
CA ARG C 471 8.83 37.74 -27.18
CA SER C 472 9.33 41.61 -27.42
CA THR C 473 7.18 44.52 -25.92
CA SER C 474 6.09 41.66 -23.59
CA LEU C 475 9.62 40.65 -22.52
CA SER C 476 11.05 42.51 -19.53
CA MET C 477 8.02 42.53 -17.21
CA THR C 478 7.06 39.16 -18.72
CA CYS C 479 10.50 37.98 -17.43
CA ILE C 480 12.85 39.99 -15.19
CA ALA C 481 9.64 40.60 -13.30
CA VAL C 482 10.16 37.67 -10.99
CA GLY C 483 13.75 38.75 -10.70
CA MET C 484 13.13 41.00 -7.68
CA VAL C 485 10.97 38.23 -6.23
CA THR C 486 12.75 35.20 -4.89
CA LEU C 487 16.13 36.82 -4.39
CA TYR C 488 14.70 39.00 -1.65
CA LEU C 489 14.51 35.78 0.29
CA GLY C 490 17.73 34.35 -1.12
CA VAL C 491 21.49 35.18 -1.21
CA MET C 492 21.54 35.43 2.68
CA VAL C 493 18.18 37.39 3.08
CA GLN C 494 15.39 35.48 4.90
CA ALA C 495 15.68 33.13 7.94
CA SER D 1 -26.78 -6.29 -2.41
CA VAL D 2 -29.09 -8.02 -4.87
CA ALA D 3 -28.49 -4.65 -6.48
CA LEU D 4 -27.15 -5.92 -9.78
CA ALA D 5 -24.37 -8.56 -9.88
CA PRO D 6 -26.59 -11.46 -11.08
CA HIS D 7 -23.91 -14.14 -10.35
CA VAL D 8 -24.18 -15.33 -13.98
CA GLY D 9 -20.88 -15.22 -15.88
CA LEU D 10 -18.83 -18.13 -14.47
CA GLY D 11 -19.92 -20.68 -17.14
CA LEU D 12 -20.11 -23.87 -15.00
CA GLU D 13 -23.68 -25.04 -15.84
CA THR D 14 -24.89 -28.61 -15.86
CA ARG D 15 -27.79 -29.68 -17.95
CA THR D 16 -30.27 -28.37 -15.34
CA GLU D 17 -32.64 -25.58 -14.27
CA THR D 18 -30.62 -22.58 -13.17
CA TRP D 19 -31.97 -20.90 -10.02
CA MET D 20 -35.51 -19.62 -9.56
CA SER D 21 -34.62 -17.04 -12.19
CA SER D 22 -34.18 -19.36 -15.20
CA GLU D 23 -37.81 -19.05 -16.31
CA GLY D 24 -37.12 -15.37 -16.92
CA ALA D 25 -35.66 -14.36 -20.29
CA TRP D 26 -37.65 -11.28 -21.14
CA LYS D 27 -37.59 -10.67 -17.40
CA GLN D 28 -34.13 -9.42 -16.40
CA ILE D 29 -35.29 -6.52 -18.49
CA GLN D 30 -38.89 -7.32 -19.36
CA LYS D 31 -40.39 -3.98 -18.22
CA VAL D 32 -37.23 -2.48 -19.73
CA GLU D 33 -39.91 -0.38 -21.48
CA THR D 34 -40.82 2.23 -18.94
CA TRP D 35 -37.04 2.26 -18.55
CA ALA D 36 -37.68 4.26 -21.73
CA LEU D 37 -41.49 4.45 -22.01
CA GLY D 38 -42.30 6.12 -18.68
CA HIS D 39 -39.93 8.67 -20.22
CA PRO D 40 -40.39 9.60 -23.98
CA GLY D 41 -38.03 11.61 -26.20
CA PHE D 42 -35.25 10.87 -23.66
CA THR D 43 -33.20 9.45 -26.55
CA VAL D 44 -34.01 11.65 -29.54
CA ILE D 45 -30.92 13.01 -27.86
CA ALA D 46 -28.75 10.05 -28.98
CA LEU D 47 -29.71 10.58 -32.63
CA PHE D 48 -28.01 14.01 -32.49
CA LEU D 49 -24.99 11.87 -31.73
CA ALA D 50 -25.19 9.45 -34.66
CA HIS D 51 -26.35 12.02 -37.25
CA ALA D 52 -23.23 13.73 -35.84
CA ILE D 53 -20.63 11.14 -34.71
CA GLY D 54 -19.76 8.63 -37.47
CA THR D 55 -22.50 8.35 -40.17
CA SER D 56 -23.10 5.80 -43.06
CA ILE D 57 -25.44 2.74 -42.52
CA THR D 58 -23.38 1.79 -39.36
CA GLN D 59 -22.94 5.03 -37.38
CA LYS D 60 -25.77 7.40 -38.56
CA GLY D 61 -28.09 4.62 -37.33
CA ILE D 62 -26.04 1.63 -36.22
CA ILE D 63 -23.68 3.22 -33.75
CA PHE D 64 -27.05 4.55 -32.46
CA ILE D 65 -28.73 1.80 -30.44
CA LEU D 66 -25.28 1.12 -29.07
CA LEU D 67 -25.15 4.72 -27.77
CA MET D 68 -28.12 4.92 -25.38
CA LEU D 69 -28.79 1.16 -25.42
CA VAL D 70 -29.30 -0.48 -21.99
CA THR D 71 -27.61 2.35 -20.10
CA PRO D 72 -28.46 4.41 -18.31
CA SER D 73 -31.89 3.40 -17.29
CA TYR D 74 -29.76 0.30 -16.54
CA SER E 1 18.51 14.72 10.73
CA VAL E 2 18.72 10.96 10.30
CA ALA E 3 15.39 11.80 8.63
CA LEU E 4 16.70 12.54 5.14
CA ALA E 5 19.37 10.29 3.58
CA PRO E 6 17.51 7.06 4.54
CA HIS E 7 19.65 3.97 3.87
CA VAL E 8 17.76 2.82 0.75
CA GLY E 9 19.38 1.80 -2.54
CA LEU E 10 22.54 1.24 -0.48
CA GLY E 11 22.76 -1.65 -2.89
CA LEU E 12 22.69 -4.20 -0.06
CA GLU E 13 20.06 -6.24 -1.95
CA THR E 14 19.63 -9.73 -0.17
CA ARG E 15 16.31 -11.67 -0.18
CA THR E 16 14.65 -10.89 3.11
CA GLU E 17 12.12 -8.96 5.13
CA THR E 18 14.43 -6.07 6.05
CA TRP E 19 13.58 -3.06 8.21
CA MET E 20 10.67 -0.77 7.59
CA SER E 21 9.71 -3.45 5.10
CA SER E 22 6.16 -2.56 4.06
CA GLU E 23 6.71 1.24 4.19
CA GLY E 24 6.47 4.06 1.64
CA ALA E 25 4.41 2.39 -1.14
CA TRP E 26 1.02 1.57 -2.85
CA LYS E 27 -0.51 3.99 -0.27
CA GLN E 28 2.49 4.93 1.99
CA ILE E 29 4.81 7.49 0.37
CA GLN E 30 1.97 10.00 0.83
CA LYS E 31 4.79 11.70 2.71
CA VAL E 32 4.42 14.48 0.17
CA GLU E 33 1.39 14.02 -2.09
CA THR E 34 -0.30 15.04 1.15
CA TRP E 35 1.28 18.47 1.22
CA ALA E 36 0.31 18.41 -2.46
CA LEU E 37 -2.94 19.75 -0.94
CA GLY E 38 -1.81 22.00 1.94
CA HIS E 39 -0.92 24.72 -0.59
CA PRO E 40 -2.14 25.45 -4.19
CA GLY E 41 -9.58 28.51 -3.27
CA PHE E 42 2.86 26.72 -6.63
CA THR E 43 0.88 24.54 -9.00
CA VAL E 44 0.86 26.92 -12.00
CA ILE E 45 4.60 27.71 -12.08
CA ALA E 46 4.80 24.40 -13.89
CA LEU E 47 3.30 25.90 -17.10
CA PHE E 48 6.03 28.50 -17.49
CA LEU E 49 8.38 25.59 -18.17
CA ALA E 50 6.53 23.69 -20.93
CA HIS E 51 4.52 26.28 -22.97
CA ALA E 52 7.58 28.31 -21.95
CA ILE E 53 10.61 25.90 -22.41
CA GLY E 54 11.39 23.15 -25.04
CA THR E 55 7.90 21.54 -25.71
CA SER E 56 6.40 18.93 -28.20
CA ILE E 57 3.99 15.88 -27.61
CA THR E 58 6.29 15.03 -24.63
CA GLN E 59 8.55 18.03 -23.82
CA LYS E 60 5.22 19.28 -22.41
CA GLY E 61 5.05 16.94 -19.39
CA ILE E 62 8.75 16.31 -19.92
CA ILE E 63 10.31 19.02 -17.71
CA PHE E 64 7.05 19.15 -15.81
CA ILE E 65 7.14 16.41 -13.18
CA LEU E 66 10.89 16.78 -13.02
CA LEU E 67 10.29 19.93 -10.98
CA MET E 68 7.13 19.03 -9.13
CA LEU E 69 8.92 16.71 -6.79
CA VAL E 70 11.25 18.95 -4.86
CA THR E 71 10.45 17.05 -1.57
CA PRO E 72 9.04 19.65 -2.26
CA SER E 73 11.80 21.34 -0.14
CA TYR E 74 14.74 19.69 1.66
CA SER F 1 7.60 10.38 9.15
CA VAL F 2 7.77 13.74 10.95
CA ALA F 3 11.01 13.62 8.94
CA LEU F 4 10.41 15.38 5.65
CA ALA F 5 7.48 17.79 5.26
CA PRO F 6 9.23 20.16 7.73
CA HIS F 7 6.88 22.95 8.84
CA VAL F 8 8.98 25.39 6.79
CA GLY F 9 8.57 27.27 3.48
CA LEU F 10 5.37 28.07 5.36
CA GLY F 11 3.21 31.15 5.16
CA LEU F 12 3.97 32.16 8.71
CA GLU F 13 6.21 34.93 7.34
CA THR F 14 7.38 36.72 10.58
CA ARG F 15 10.07 38.98 12.09
CA THR F 16 12.13 37.51 14.88
CA GLU F 17 13.46 33.97 15.22
CA THR F 18 12.43 31.00 13.13
CA TRP F 19 12.90 27.84 15.25
CA MET F 20 16.16 27.16 13.55
CA SER F 21 18.80 29.71 12.54
CA SER F 22 22.03 27.88 11.59
CA GLU F 23 20.95 25.30 8.96
CA GLY F 24 20.66 25.89 5.18
CA ALA F 25 24.14 27.54 4.66
CA TRP F 26 25.28 23.96 5.19
CA LYS F 27 21.94 22.17 6.05
CA GLN F 28 19.72 20.35 3.57
CA ILE F 29 22.50 20.05 1.06
CA GLN F 30 24.07 17.95 3.79
CA LYS F 31 21.79 15.13 2.66
CA VAL F 32 23.39 15.70 -0.76
CA GLU F 33 26.46 14.19 0.83
CA THR F 34 26.21 10.38 0.84
CA TRP F 35 24.89 11.48 -2.49
CA ALA F 36 27.21 12.30 -5.29
CA LEU F 37 30.12 12.05 -2.83
CA GLY F 38 28.97 8.70 -1.51
CA HIS F 39 28.19 7.16 -4.88
CA PRO F 40 29.33 8.71 -8.21
CA GLY F 41 26.57 6.49 -9.45
CA PHE F 42 24.30 9.09 -11.06
CA THR F 43 26.02 11.79 -13.07
CA VAL F 44 26.54 9.69 -16.17
CA ILE F 45 22.77 9.02 -16.23
CA ALA F 46 21.95 12.72 -16.37
CA LEU F 47 24.11 12.67 -19.51
CA PHE F 48 21.64 10.87 -21.76
CA LEU F 49 19.25 13.71 -21.10
CA ALA F 50 21.77 16.42 -22.01
CA HIS F 51 23.65 14.67 -24.86
CA ALA F 52 20.37 12.81 -25.46
CA ILE F 53 17.43 15.24 -24.68
CA GLY F 54 16.54 18.81 -25.73
CA THR F 55 20.01 20.46 -25.84
CA SER F 56 20.85 24.20 -26.43
CA ILE F 57 23.76 25.28 -24.00
CA THR F 58 20.89 25.44 -21.39
CA GLN F 59 18.90 22.25 -22.06
CA LYS F 60 22.39 20.59 -22.21
CA GLY F 61 22.35 21.54 -18.49
CA ILE F 62 18.58 21.95 -18.21
CA ILE F 63 17.93 18.51 -16.76
CA PHE F 64 21.54 17.74 -15.79
CA ILE F 65 20.72 20.33 -13.18
CA LEU F 66 17.61 18.56 -11.97
CA LEU F 67 17.49 14.84 -11.26
CA MET F 68 20.35 15.12 -8.73
CA LEU F 69 18.15 16.90 -6.25
CA VAL F 70 15.78 13.93 -6.73
CA THR F 71 18.11 11.60 -4.87
CA PRO F 72 16.19 11.98 -1.62
CA SER F 73 13.50 9.29 -1.67
CA TYR F 74 10.87 11.20 -3.62
#